data_3T7R
#
_entry.id   3T7R
#
_cell.length_a   132.063
_cell.length_b   72.140
_cell.length_c   55.893
_cell.angle_alpha   90.00
_cell.angle_beta   90.00
_cell.angle_gamma   90.00
#
_symmetry.space_group_name_H-M   'P 21 21 2'
#
loop_
_entity.id
_entity.type
_entity.pdbx_description
1 polymer 'Putative methyltransferase'
2 non-polymer 3-[(2Z)-3-methylpent-2-en-1-yl]benzene-1,2-diol
3 water water
#
_entity_poly.entity_id   1
_entity_poly.type   'polypeptide(L)'
_entity_poly.pdbx_seq_one_letter_code
;MHHHHHHNNDNNTILGFDVNLICDFFLNTERQGPGSPEVTLKALSFIDNLTNKSLIADLGCGTGGQTMILAQHVPGKITG
IDFFPGFIERFNKNAEKLNLQNRVKGIVGSMDDLSFEKDSLDLIWSEGAIYNIGFERGLKEWRNYLKPGGYLAVSESVWF
TDQRPAEIHDFWMSAYTEIDTVPNKVAQIQKAGYIPVATFILPENCWIEHYFAPQAKAEEIFRRKHAGSRIVEELITSNH
HEAELYSKYKAYYGYAFFICKKGFSLRR
;
_entity_poly.pdbx_strand_id   A,B
#
loop_
_chem_comp.id
_chem_comp.type
_chem_comp.name
_chem_comp.formula
6PP non-polymer 3-[(2Z)-3-methylpent-2-en-1-yl]benzene-1,2-diol 'C12 H16 O2'
#
# COMPACT_ATOMS: atom_id res chain seq x y z
N PHE A 17 1.08 -27.78 15.17
CA PHE A 17 1.36 -26.37 14.81
C PHE A 17 2.28 -26.25 13.62
N ASP A 18 2.86 -27.37 13.18
CA ASP A 18 3.76 -27.29 12.04
C ASP A 18 3.06 -26.80 10.79
N VAL A 19 1.82 -27.24 10.61
CA VAL A 19 1.04 -26.84 9.45
C VAL A 19 0.35 -25.49 9.65
N ASN A 20 -0.23 -25.29 10.84
CA ASN A 20 -0.93 -24.04 11.14
C ASN A 20 -0.07 -22.80 11.03
N LEU A 21 1.20 -22.91 11.42
CA LEU A 21 2.11 -21.77 11.34
C LEU A 21 2.20 -21.25 9.90
N ILE A 22 2.22 -22.16 8.93
CA ILE A 22 2.27 -21.74 7.52
C ILE A 22 0.94 -21.08 7.13
N CYS A 23 -0.18 -21.73 7.48
CA CYS A 23 -1.49 -21.14 7.17
C CYS A 23 -1.62 -19.77 7.82
N ASP A 24 -1.12 -19.65 9.05
CA ASP A 24 -1.19 -18.41 9.77
C ASP A 24 -0.53 -17.29 8.98
N PHE A 25 0.61 -17.58 8.36
CA PHE A 25 1.34 -16.58 7.57
C PHE A 25 0.50 -16.01 6.42
N PHE A 26 -0.03 -16.91 5.60
CA PHE A 26 -0.85 -16.52 4.45
C PHE A 26 -2.12 -15.76 4.81
N LEU A 27 -2.52 -15.83 6.06
CA LEU A 27 -3.70 -15.10 6.51
C LEU A 27 -3.35 -13.61 6.61
N ASN A 28 -2.06 -13.29 6.60
CA ASN A 28 -1.60 -11.90 6.67
C ASN A 28 -1.00 -11.43 5.34
N THR A 29 -1.34 -12.14 4.26
CA THR A 29 -0.87 -11.82 2.92
C THR A 29 -2.09 -11.67 2.02
N GLU A 30 -1.90 -11.00 0.89
CA GLU A 30 -2.97 -10.77 -0.06
C GLU A 30 -3.51 -12.07 -0.67
N ARG A 31 -2.61 -12.86 -1.24
CA ARG A 31 -2.97 -14.14 -1.85
C ARG A 31 -1.82 -15.11 -1.69
N GLN A 32 -2.03 -16.36 -2.10
CA GLN A 32 -1.01 -17.40 -1.98
C GLN A 32 -0.29 -17.68 -3.29
N GLY A 33 -0.51 -16.84 -4.28
CA GLY A 33 0.11 -17.03 -5.57
C GLY A 33 -0.27 -15.91 -6.52
N PRO A 34 0.45 -15.79 -7.63
CA PRO A 34 0.17 -14.75 -8.63
C PRO A 34 -1.32 -14.57 -8.87
N GLY A 35 -1.75 -13.33 -9.05
CA GLY A 35 -3.15 -13.06 -9.30
C GLY A 35 -3.50 -11.67 -8.85
N SER A 36 -4.66 -11.20 -9.27
CA SER A 36 -5.10 -9.87 -8.89
C SER A 36 -6.56 -9.74 -9.23
N PRO A 37 -7.25 -8.76 -8.61
CA PRO A 37 -8.67 -8.50 -8.83
C PRO A 37 -9.02 -8.31 -10.31
N GLU A 38 -8.21 -7.50 -11.00
CA GLU A 38 -8.42 -7.23 -12.43
C GLU A 38 -8.32 -8.48 -13.29
N VAL A 39 -7.42 -9.40 -12.92
CA VAL A 39 -7.25 -10.64 -13.66
C VAL A 39 -8.43 -11.57 -13.40
N THR A 40 -8.91 -11.61 -12.16
CA THR A 40 -10.03 -12.49 -11.85
C THR A 40 -11.27 -12.05 -12.62
N LEU A 41 -11.48 -10.75 -12.76
CA LEU A 41 -12.63 -10.23 -13.49
C LEU A 41 -12.46 -10.40 -14.99
N LYS A 42 -11.23 -10.27 -15.48
CA LYS A 42 -10.98 -10.45 -16.90
C LYS A 42 -11.28 -11.92 -17.26
N ALA A 43 -10.89 -12.84 -16.39
CA ALA A 43 -11.14 -14.26 -16.64
C ALA A 43 -12.65 -14.48 -16.64
N LEU A 44 -13.32 -13.77 -15.74
CA LEU A 44 -14.77 -13.83 -15.60
C LEU A 44 -15.51 -13.25 -16.82
N SER A 45 -14.92 -12.24 -17.45
CA SER A 45 -15.53 -11.62 -18.60
C SER A 45 -15.80 -12.62 -19.74
N PHE A 46 -15.29 -13.83 -19.59
CA PHE A 46 -15.46 -14.88 -20.60
C PHE A 46 -16.53 -15.92 -20.26
N ILE A 47 -17.10 -15.82 -19.06
CA ILE A 47 -18.18 -16.72 -18.67
C ILE A 47 -19.51 -15.98 -18.89
N ASP A 48 -20.28 -16.46 -19.87
CA ASP A 48 -21.55 -15.84 -20.25
C ASP A 48 -22.79 -16.73 -20.12
N ASN A 49 -22.82 -17.60 -19.12
CA ASN A 49 -23.97 -18.49 -18.93
C ASN A 49 -24.40 -18.46 -17.47
N LEU A 50 -24.08 -17.38 -16.78
CA LEU A 50 -24.44 -17.28 -15.38
C LEU A 50 -25.78 -16.61 -15.11
N THR A 51 -26.51 -17.15 -14.14
CA THR A 51 -27.83 -16.67 -13.75
C THR A 51 -28.02 -16.97 -12.27
N ASN A 52 -29.10 -16.45 -11.72
CA ASN A 52 -29.44 -16.64 -10.31
C ASN A 52 -29.43 -18.12 -9.94
N LYS A 53 -29.80 -18.98 -10.88
CA LYS A 53 -29.85 -20.42 -10.61
C LYS A 53 -28.52 -21.14 -10.81
N SER A 54 -27.45 -20.38 -11.05
CA SER A 54 -26.14 -20.99 -11.27
C SER A 54 -25.45 -21.47 -10.03
N LEU A 55 -24.77 -22.60 -10.15
CA LEU A 55 -24.04 -23.15 -9.04
C LEU A 55 -22.57 -23.05 -9.38
N ILE A 56 -21.86 -22.27 -8.58
CA ILE A 56 -20.43 -22.03 -8.77
C ILE A 56 -19.58 -22.62 -7.64
N ALA A 57 -18.43 -23.18 -8.00
CA ALA A 57 -17.53 -23.77 -7.01
C ALA A 57 -16.10 -23.24 -7.13
N ASP A 58 -15.53 -22.81 -6.00
CA ASP A 58 -14.16 -22.31 -5.97
C ASP A 58 -13.33 -23.39 -5.26
N LEU A 59 -12.57 -24.16 -6.03
CA LEU A 59 -11.77 -25.26 -5.50
C LEU A 59 -10.35 -24.86 -5.16
N GLY A 60 -10.02 -24.91 -3.88
CA GLY A 60 -8.70 -24.49 -3.44
C GLY A 60 -8.84 -23.02 -3.17
N CYS A 61 -10.07 -22.62 -2.85
CA CYS A 61 -10.45 -21.25 -2.58
C CYS A 61 -9.53 -20.47 -1.64
N GLY A 62 -8.82 -21.17 -0.76
CA GLY A 62 -7.94 -20.48 0.16
C GLY A 62 -8.73 -19.55 1.07
N THR A 63 -8.23 -18.34 1.28
CA THR A 63 -8.93 -17.39 2.15
C THR A 63 -10.13 -16.77 1.47
N GLY A 64 -10.45 -17.27 0.29
CA GLY A 64 -11.61 -16.78 -0.45
C GLY A 64 -11.52 -15.40 -1.07
N GLY A 65 -10.32 -14.82 -1.05
CA GLY A 65 -10.12 -13.49 -1.62
C GLY A 65 -10.72 -13.30 -3.00
N GLN A 66 -10.39 -14.19 -3.94
CA GLN A 66 -10.93 -14.04 -5.28
C GLN A 66 -12.38 -14.53 -5.37
N THR A 67 -12.83 -15.26 -4.34
CA THR A 67 -14.20 -15.78 -4.29
C THR A 67 -15.19 -14.65 -4.06
N MET A 68 -14.82 -13.71 -3.20
CA MET A 68 -15.68 -12.57 -2.90
C MET A 68 -15.80 -11.68 -4.13
N ILE A 69 -14.72 -11.54 -4.88
CA ILE A 69 -14.72 -10.74 -6.09
C ILE A 69 -15.74 -11.28 -7.09
N LEU A 70 -15.86 -12.60 -7.19
CA LEU A 70 -16.81 -13.23 -8.11
C LEU A 70 -18.21 -12.94 -7.62
N ALA A 71 -18.48 -13.38 -6.40
CA ALA A 71 -19.79 -13.21 -5.77
C ALA A 71 -20.35 -11.78 -5.82
N GLN A 72 -19.51 -10.82 -6.18
CA GLN A 72 -19.93 -9.42 -6.27
C GLN A 72 -20.13 -8.97 -7.70
N HIS A 73 -19.74 -9.83 -8.65
CA HIS A 73 -19.89 -9.50 -10.05
C HIS A 73 -20.73 -10.53 -10.79
N VAL A 74 -21.22 -11.53 -10.08
CA VAL A 74 -22.03 -12.57 -10.70
C VAL A 74 -23.10 -13.09 -9.76
N PRO A 75 -24.28 -13.42 -10.30
CA PRO A 75 -25.37 -13.95 -9.49
C PRO A 75 -25.19 -15.46 -9.37
N GLY A 76 -25.83 -16.05 -8.36
CA GLY A 76 -25.69 -17.49 -8.19
C GLY A 76 -25.01 -17.80 -6.87
N LYS A 77 -25.05 -19.05 -6.46
CA LYS A 77 -24.42 -19.42 -5.21
C LYS A 77 -23.02 -19.97 -5.41
N ILE A 78 -22.12 -19.59 -4.50
CA ILE A 78 -20.72 -20.01 -4.56
C ILE A 78 -20.27 -20.82 -3.33
N THR A 79 -19.72 -21.99 -3.59
CA THR A 79 -19.22 -22.86 -2.52
C THR A 79 -17.70 -22.99 -2.58
N GLY A 80 -17.02 -22.44 -1.61
CA GLY A 80 -15.58 -22.51 -1.58
C GLY A 80 -15.17 -23.78 -0.87
N ILE A 81 -14.12 -24.42 -1.38
CA ILE A 81 -13.63 -25.63 -0.76
C ILE A 81 -12.12 -25.50 -0.61
N ASP A 82 -11.59 -25.90 0.54
CA ASP A 82 -10.15 -25.84 0.76
C ASP A 82 -9.74 -26.84 1.84
N PHE A 83 -8.50 -27.30 1.79
CA PHE A 83 -8.00 -28.28 2.74
C PHE A 83 -7.77 -27.79 4.19
N PHE A 84 -7.50 -26.50 4.37
CA PHE A 84 -7.22 -25.97 5.70
C PHE A 84 -8.32 -25.19 6.41
N PRO A 85 -8.79 -25.70 7.57
CA PRO A 85 -9.85 -25.09 8.38
C PRO A 85 -9.61 -23.59 8.63
N GLY A 86 -8.35 -23.27 8.86
CA GLY A 86 -7.94 -21.90 9.11
C GLY A 86 -8.30 -20.94 8.01
N PHE A 87 -8.16 -21.38 6.77
CA PHE A 87 -8.53 -20.53 5.64
C PHE A 87 -10.05 -20.45 5.53
N ILE A 88 -10.70 -21.61 5.54
CA ILE A 88 -12.15 -21.67 5.46
C ILE A 88 -12.80 -20.81 6.54
N GLU A 89 -12.13 -20.69 7.68
CA GLU A 89 -12.67 -19.88 8.76
C GLU A 89 -12.66 -18.40 8.36
N ARG A 90 -11.53 -17.91 7.91
CA ARG A 90 -11.45 -16.52 7.51
C ARG A 90 -12.40 -16.30 6.34
N PHE A 91 -12.46 -17.27 5.43
CA PHE A 91 -13.33 -17.22 4.25
C PHE A 91 -14.78 -16.88 4.63
N ASN A 92 -15.31 -17.63 5.59
CA ASN A 92 -16.67 -17.39 6.05
C ASN A 92 -16.76 -16.07 6.83
N LYS A 93 -15.75 -15.80 7.67
CA LYS A 93 -15.73 -14.56 8.42
C LYS A 93 -15.89 -13.39 7.45
N ASN A 94 -15.04 -13.36 6.43
CA ASN A 94 -15.10 -12.27 5.45
C ASN A 94 -16.43 -12.28 4.71
N ALA A 95 -16.89 -13.48 4.35
CA ALA A 95 -18.14 -13.61 3.64
C ALA A 95 -19.26 -12.92 4.44
N GLU A 96 -19.17 -13.01 5.77
CA GLU A 96 -20.18 -12.42 6.65
C GLU A 96 -20.04 -10.90 6.75
N LYS A 97 -18.82 -10.39 6.70
CA LYS A 97 -18.63 -8.95 6.77
C LYS A 97 -19.31 -8.30 5.56
N LEU A 98 -19.36 -9.03 4.44
CA LEU A 98 -19.96 -8.53 3.22
C LEU A 98 -21.41 -8.98 3.08
N ASN A 99 -21.93 -9.60 4.14
CA ASN A 99 -23.31 -10.10 4.13
C ASN A 99 -23.53 -10.91 2.85
N LEU A 100 -22.69 -11.92 2.66
CA LEU A 100 -22.74 -12.79 1.48
C LEU A 100 -22.82 -14.25 1.90
N GLN A 101 -22.62 -14.52 3.19
CA GLN A 101 -22.64 -15.89 3.69
C GLN A 101 -23.91 -16.61 3.27
N ASN A 102 -24.89 -15.83 2.82
CA ASN A 102 -26.15 -16.38 2.37
C ASN A 102 -26.01 -17.13 1.04
N ARG A 103 -25.17 -16.62 0.15
CA ARG A 103 -24.95 -17.27 -1.14
C ARG A 103 -23.50 -17.68 -1.37
N VAL A 104 -22.66 -17.47 -0.36
CA VAL A 104 -21.24 -17.83 -0.44
C VAL A 104 -20.85 -18.54 0.85
N LYS A 105 -20.71 -19.85 0.80
CA LYS A 105 -20.36 -20.59 2.00
C LYS A 105 -19.00 -21.31 1.84
N GLY A 106 -18.21 -21.29 2.91
CA GLY A 106 -16.91 -21.95 2.88
C GLY A 106 -17.03 -23.33 3.48
N ILE A 107 -16.26 -24.27 2.92
CA ILE A 107 -16.29 -25.63 3.37
C ILE A 107 -14.92 -26.29 3.27
N VAL A 108 -14.61 -27.16 4.23
CA VAL A 108 -13.31 -27.86 4.23
C VAL A 108 -13.37 -29.21 3.55
N GLY A 109 -12.74 -29.32 2.37
CA GLY A 109 -12.74 -30.58 1.64
C GLY A 109 -11.49 -30.72 0.78
N SER A 110 -11.37 -31.80 0.01
CA SER A 110 -10.21 -31.99 -0.86
C SER A 110 -10.61 -32.06 -2.33
N MET A 111 -9.81 -31.40 -3.17
CA MET A 111 -10.07 -31.34 -4.61
C MET A 111 -10.32 -32.68 -5.29
N ASP A 112 -9.84 -33.78 -4.70
CA ASP A 112 -10.04 -35.11 -5.30
C ASP A 112 -11.21 -35.87 -4.69
N ASP A 113 -11.41 -35.70 -3.39
CA ASP A 113 -12.48 -36.37 -2.68
C ASP A 113 -13.74 -35.52 -2.70
N LEU A 114 -14.14 -35.04 -3.87
CA LEU A 114 -15.34 -34.22 -3.96
C LEU A 114 -16.60 -35.07 -3.99
N SER A 115 -17.72 -34.42 -3.64
CA SER A 115 -19.03 -35.06 -3.57
C SER A 115 -20.10 -34.27 -4.31
N PHE A 116 -19.72 -33.55 -5.36
CA PHE A 116 -20.67 -32.76 -6.13
C PHE A 116 -21.50 -33.69 -7.02
N GLU A 117 -22.80 -33.41 -7.11
CA GLU A 117 -23.65 -34.23 -7.97
C GLU A 117 -23.12 -34.08 -9.38
N LYS A 118 -23.09 -35.19 -10.12
CA LYS A 118 -22.56 -35.17 -11.48
C LYS A 118 -23.34 -34.21 -12.39
N ASP A 119 -22.61 -33.41 -13.17
CA ASP A 119 -23.23 -32.46 -14.09
C ASP A 119 -24.14 -31.45 -13.40
N SER A 120 -23.72 -30.93 -12.24
CA SER A 120 -24.55 -29.96 -11.52
C SER A 120 -24.03 -28.54 -11.49
N LEU A 121 -22.73 -28.37 -11.74
CA LEU A 121 -22.10 -27.06 -11.71
C LEU A 121 -22.08 -26.30 -13.02
N ASP A 122 -22.26 -24.99 -12.94
CA ASP A 122 -22.22 -24.12 -14.11
C ASP A 122 -20.84 -23.54 -14.28
N LEU A 123 -20.09 -23.45 -13.18
CA LEU A 123 -18.75 -22.90 -13.21
C LEU A 123 -17.83 -23.38 -12.10
N ILE A 124 -16.65 -23.87 -12.46
CA ILE A 124 -15.67 -24.32 -11.47
C ILE A 124 -14.47 -23.35 -11.51
N TRP A 125 -14.23 -22.67 -10.39
CA TRP A 125 -13.14 -21.70 -10.27
C TRP A 125 -12.00 -22.31 -9.46
N SER A 126 -10.77 -21.88 -9.73
CA SER A 126 -9.62 -22.40 -9.00
C SER A 126 -8.36 -21.65 -9.36
N GLU A 127 -8.02 -20.65 -8.54
CA GLU A 127 -6.82 -19.87 -8.78
C GLU A 127 -5.60 -20.38 -8.04
N GLY A 128 -4.56 -20.69 -8.82
CA GLY A 128 -3.30 -21.18 -8.30
C GLY A 128 -3.45 -22.32 -7.33
N ALA A 129 -4.28 -23.30 -7.66
CA ALA A 129 -4.48 -24.43 -6.77
C ALA A 129 -4.57 -25.79 -7.45
N ILE A 130 -4.85 -25.81 -8.74
CA ILE A 130 -4.97 -27.10 -9.40
C ILE A 130 -3.70 -27.96 -9.38
N TYR A 131 -2.56 -27.35 -9.10
CA TYR A 131 -1.29 -28.08 -9.06
C TYR A 131 -1.31 -29.18 -8.00
N ASN A 132 -2.17 -29.05 -6.99
CA ASN A 132 -2.29 -30.04 -5.92
C ASN A 132 -2.76 -31.39 -6.45
N ILE A 133 -3.82 -31.35 -7.27
CA ILE A 133 -4.37 -32.56 -7.85
C ILE A 133 -3.72 -32.88 -9.20
N GLY A 134 -3.10 -31.86 -9.80
CA GLY A 134 -2.45 -32.02 -11.10
C GLY A 134 -3.31 -31.41 -12.20
N PHE A 135 -2.67 -30.68 -13.12
CA PHE A 135 -3.42 -30.03 -14.19
C PHE A 135 -4.33 -30.97 -14.98
N GLU A 136 -3.73 -31.94 -15.67
CA GLU A 136 -4.52 -32.86 -16.47
C GLU A 136 -5.56 -33.60 -15.65
N ARG A 137 -5.16 -34.05 -14.46
CA ARG A 137 -6.08 -34.78 -13.61
C ARG A 137 -7.30 -33.95 -13.28
N GLY A 138 -7.05 -32.71 -12.88
CA GLY A 138 -8.14 -31.80 -12.54
C GLY A 138 -9.12 -31.73 -13.69
N LEU A 139 -8.60 -31.45 -14.88
CA LEU A 139 -9.42 -31.35 -16.09
C LEU A 139 -10.32 -32.58 -16.23
N LYS A 140 -9.69 -33.76 -16.21
CA LYS A 140 -10.41 -35.02 -16.35
C LYS A 140 -11.48 -35.21 -15.27
N GLU A 141 -11.05 -35.18 -14.00
CA GLU A 141 -11.97 -35.37 -12.88
C GLU A 141 -13.00 -34.27 -12.64
N TRP A 142 -12.60 -33.01 -12.78
CA TRP A 142 -13.55 -31.94 -12.53
C TRP A 142 -14.63 -31.81 -13.60
N ARG A 143 -14.35 -32.33 -14.78
CA ARG A 143 -15.29 -32.25 -15.90
C ARG A 143 -16.62 -32.92 -15.55
N ASN A 144 -16.54 -33.94 -14.70
CA ASN A 144 -17.73 -34.67 -14.29
C ASN A 144 -18.75 -33.89 -13.50
N TYR A 145 -18.30 -32.87 -12.79
CA TYR A 145 -19.19 -32.06 -11.97
C TYR A 145 -19.80 -30.86 -12.72
N LEU A 146 -19.34 -30.64 -13.95
CA LEU A 146 -19.84 -29.52 -14.76
C LEU A 146 -21.03 -29.90 -15.64
N LYS A 147 -22.01 -29.01 -15.75
CA LYS A 147 -23.16 -29.27 -16.64
C LYS A 147 -22.57 -29.22 -18.04
N PRO A 148 -23.15 -29.96 -18.99
CA PRO A 148 -22.57 -29.88 -20.32
C PRO A 148 -22.59 -28.42 -20.80
N GLY A 149 -21.45 -27.92 -21.26
CA GLY A 149 -21.39 -26.54 -21.72
C GLY A 149 -21.10 -25.61 -20.57
N GLY A 150 -20.51 -26.17 -19.52
CA GLY A 150 -20.17 -25.39 -18.34
C GLY A 150 -18.77 -24.82 -18.51
N TYR A 151 -18.34 -24.03 -17.52
CA TYR A 151 -17.02 -23.40 -17.55
C TYR A 151 -16.12 -23.75 -16.37
N LEU A 152 -14.87 -24.04 -16.69
CA LEU A 152 -13.84 -24.34 -15.69
C LEU A 152 -12.78 -23.25 -15.85
N ALA A 153 -12.64 -22.38 -14.86
CA ALA A 153 -11.64 -21.30 -14.96
C ALA A 153 -10.51 -21.51 -13.95
N VAL A 154 -9.31 -21.80 -14.46
CA VAL A 154 -8.16 -22.02 -13.59
C VAL A 154 -6.89 -21.24 -14.01
N SER A 155 -6.07 -20.85 -13.02
CA SER A 155 -4.81 -20.19 -13.31
C SER A 155 -3.73 -21.21 -12.94
N GLU A 156 -2.76 -21.39 -13.84
CA GLU A 156 -1.69 -22.37 -13.66
C GLU A 156 -0.31 -21.85 -14.07
N SER A 157 0.73 -22.56 -13.63
CA SER A 157 2.11 -22.19 -13.93
C SER A 157 2.47 -22.62 -15.34
N VAL A 158 3.05 -21.71 -16.12
CA VAL A 158 3.41 -22.04 -17.48
C VAL A 158 4.78 -21.60 -17.92
N TRP A 159 5.28 -22.30 -18.94
CA TRP A 159 6.57 -22.01 -19.58
C TRP A 159 6.26 -21.07 -20.75
N PHE A 160 7.04 -20.00 -20.88
CA PHE A 160 6.83 -19.04 -21.96
C PHE A 160 7.56 -19.42 -23.23
N THR A 161 8.60 -20.24 -23.10
CA THR A 161 9.39 -20.68 -24.25
C THR A 161 9.66 -22.17 -24.14
N ASP A 162 10.24 -22.76 -25.19
CA ASP A 162 10.56 -24.19 -25.20
C ASP A 162 11.95 -24.47 -24.63
N GLN A 163 12.71 -23.42 -24.38
CA GLN A 163 14.07 -23.53 -23.86
C GLN A 163 14.22 -22.64 -22.61
N ARG A 164 14.71 -23.21 -21.51
CA ARG A 164 14.91 -22.46 -20.27
C ARG A 164 16.26 -22.71 -19.59
N PRO A 165 16.84 -21.67 -18.98
CA PRO A 165 18.12 -21.85 -18.31
C PRO A 165 17.97 -23.01 -17.32
N ALA A 166 19.03 -23.78 -17.15
CA ALA A 166 19.01 -24.94 -16.24
C ALA A 166 18.45 -24.63 -14.84
N GLU A 167 18.89 -23.50 -14.27
CA GLU A 167 18.47 -23.10 -12.94
C GLU A 167 16.97 -23.06 -12.71
N ILE A 168 16.26 -22.21 -13.45
CA ILE A 168 14.82 -22.06 -13.31
C ILE A 168 14.02 -23.32 -13.65
N HIS A 169 14.50 -24.10 -14.61
CA HIS A 169 13.84 -25.34 -15.01
C HIS A 169 13.94 -26.38 -13.89
N ASP A 170 15.14 -26.57 -13.34
CA ASP A 170 15.33 -27.56 -12.27
C ASP A 170 14.53 -27.18 -11.03
N PHE A 171 14.39 -25.89 -10.79
CA PHE A 171 13.62 -25.40 -9.66
C PHE A 171 12.17 -25.89 -9.71
N TRP A 172 11.56 -25.77 -10.90
CA TRP A 172 10.18 -26.21 -11.07
C TRP A 172 10.07 -27.70 -11.03
N MET A 173 11.11 -28.37 -11.52
CA MET A 173 11.13 -29.82 -11.52
C MET A 173 11.18 -30.39 -10.09
N SER A 174 11.49 -29.52 -9.13
CA SER A 174 11.55 -29.93 -7.73
C SER A 174 10.23 -29.61 -7.00
N ALA A 175 9.45 -28.67 -7.52
CA ALA A 175 8.17 -28.29 -6.91
C ALA A 175 6.99 -28.89 -7.65
N TYR A 176 6.70 -28.33 -8.82
CA TYR A 176 5.58 -28.77 -9.65
C TYR A 176 6.07 -29.32 -10.99
N THR A 177 6.09 -30.64 -11.11
CA THR A 177 6.57 -31.28 -12.34
C THR A 177 5.69 -31.04 -13.57
N GLU A 178 4.41 -30.74 -13.35
CA GLU A 178 3.52 -30.50 -14.47
C GLU A 178 3.58 -29.13 -15.16
N ILE A 179 4.46 -28.26 -14.72
CA ILE A 179 4.59 -26.95 -15.37
C ILE A 179 4.93 -27.21 -16.82
N ASP A 180 4.12 -26.67 -17.73
CA ASP A 180 4.35 -26.89 -19.15
C ASP A 180 4.18 -25.58 -19.90
N THR A 181 4.31 -25.62 -21.23
CA THR A 181 4.16 -24.43 -22.05
C THR A 181 2.68 -24.25 -22.38
N VAL A 182 2.29 -23.05 -22.77
CA VAL A 182 0.89 -22.80 -23.10
C VAL A 182 0.34 -23.74 -24.18
N PRO A 183 1.11 -23.96 -25.27
CA PRO A 183 0.63 -24.85 -26.33
C PRO A 183 0.22 -26.21 -25.80
N ASN A 184 1.02 -26.75 -24.89
CA ASN A 184 0.74 -28.05 -24.29
C ASN A 184 -0.43 -28.03 -23.31
N LYS A 185 -0.55 -26.98 -22.49
CA LYS A 185 -1.67 -26.89 -21.55
C LYS A 185 -2.96 -26.81 -22.36
N VAL A 186 -2.94 -26.00 -23.41
CA VAL A 186 -4.11 -25.82 -24.25
C VAL A 186 -4.44 -27.12 -24.98
N ALA A 187 -3.40 -27.84 -25.41
CA ALA A 187 -3.64 -29.10 -26.09
C ALA A 187 -4.40 -30.03 -25.16
N GLN A 188 -3.89 -30.17 -23.93
CA GLN A 188 -4.48 -31.03 -22.91
C GLN A 188 -5.93 -30.70 -22.61
N ILE A 189 -6.22 -29.40 -22.45
CA ILE A 189 -7.58 -28.97 -22.19
C ILE A 189 -8.52 -29.54 -23.25
N GLN A 190 -8.15 -29.42 -24.52
CA GLN A 190 -8.98 -29.93 -25.60
C GLN A 190 -9.10 -31.45 -25.54
N LYS A 191 -7.97 -32.12 -25.30
CA LYS A 191 -7.92 -33.58 -25.19
C LYS A 191 -8.82 -34.07 -24.07
N ALA A 192 -8.94 -33.26 -23.02
CA ALA A 192 -9.76 -33.61 -21.87
C ALA A 192 -11.27 -33.52 -22.17
N GLY A 193 -11.62 -32.82 -23.24
CA GLY A 193 -13.01 -32.67 -23.60
C GLY A 193 -13.60 -31.27 -23.44
N TYR A 194 -12.73 -30.26 -23.43
CA TYR A 194 -13.18 -28.88 -23.29
C TYR A 194 -12.82 -28.11 -24.56
N ILE A 195 -13.34 -26.91 -24.67
CA ILE A 195 -13.01 -26.07 -25.79
C ILE A 195 -12.26 -24.95 -25.11
N PRO A 196 -11.01 -24.71 -25.52
CA PRO A 196 -10.21 -23.64 -24.91
C PRO A 196 -10.74 -22.25 -25.30
N VAL A 197 -11.88 -21.88 -24.72
CA VAL A 197 -12.52 -20.61 -25.03
C VAL A 197 -11.71 -19.35 -24.73
N ALA A 198 -10.87 -19.38 -23.71
CA ALA A 198 -10.05 -18.22 -23.39
C ALA A 198 -8.79 -18.57 -22.59
N THR A 199 -7.64 -18.08 -23.04
CA THR A 199 -6.36 -18.35 -22.40
C THR A 199 -5.51 -17.09 -22.41
N PHE A 200 -4.88 -16.77 -21.29
CA PHE A 200 -4.02 -15.61 -21.25
C PHE A 200 -3.05 -15.66 -20.08
N ILE A 201 -1.88 -15.08 -20.31
CA ILE A 201 -0.83 -15.02 -19.30
C ILE A 201 -1.00 -13.82 -18.38
N LEU A 202 -0.79 -14.05 -17.09
CA LEU A 202 -0.93 -12.99 -16.12
C LEU A 202 0.15 -11.94 -16.22
N PRO A 203 -0.19 -10.68 -15.95
CA PRO A 203 0.76 -9.57 -16.02
C PRO A 203 1.76 -9.72 -14.85
N GLU A 204 2.85 -8.94 -14.86
CA GLU A 204 3.84 -9.05 -13.80
C GLU A 204 3.42 -8.50 -12.45
N ASN A 205 2.58 -7.48 -12.43
CA ASN A 205 2.15 -6.93 -11.14
C ASN A 205 1.33 -7.96 -10.38
N CYS A 206 1.08 -9.10 -11.02
CA CYS A 206 0.37 -10.19 -10.40
C CYS A 206 1.33 -10.97 -9.53
N TRP A 207 2.62 -10.74 -9.73
CA TRP A 207 3.65 -11.41 -8.95
C TRP A 207 4.25 -10.41 -7.98
N ILE A 208 4.52 -9.20 -8.46
CA ILE A 208 5.14 -8.20 -7.61
C ILE A 208 4.14 -7.44 -6.74
N GLU A 209 3.42 -6.52 -7.34
CA GLU A 209 2.44 -5.73 -6.59
C GLU A 209 1.45 -6.51 -5.73
N HIS A 210 0.90 -7.61 -6.25
CA HIS A 210 -0.12 -8.39 -5.52
C HIS A 210 0.29 -9.70 -4.86
N TYR A 211 1.59 -10.00 -4.83
CA TYR A 211 2.01 -11.25 -4.23
C TYR A 211 3.31 -11.11 -3.44
N PHE A 212 4.45 -11.10 -4.13
CA PHE A 212 5.75 -10.97 -3.47
C PHE A 212 5.87 -9.69 -2.63
N ALA A 213 5.44 -8.55 -3.19
CA ALA A 213 5.52 -7.29 -2.47
C ALA A 213 4.83 -7.34 -1.11
N PRO A 214 3.51 -7.62 -1.07
CA PRO A 214 2.76 -7.70 0.19
C PRO A 214 3.25 -8.82 1.09
N GLN A 215 3.86 -9.83 0.48
CA GLN A 215 4.38 -10.95 1.23
C GLN A 215 5.52 -10.48 2.11
N ALA A 216 6.51 -9.81 1.51
CA ALA A 216 7.67 -9.31 2.23
C ALA A 216 7.25 -8.52 3.47
N LYS A 217 6.33 -7.59 3.28
CA LYS A 217 5.81 -6.74 4.36
C LYS A 217 5.44 -7.54 5.60
N ALA A 218 4.77 -8.67 5.37
CA ALA A 218 4.36 -9.55 6.46
C ALA A 218 5.54 -10.33 7.06
N GLU A 219 6.44 -10.83 6.20
CA GLU A 219 7.60 -11.62 6.63
C GLU A 219 8.30 -11.06 7.86
N GLU A 220 8.27 -9.74 8.01
CA GLU A 220 8.93 -9.10 9.14
C GLU A 220 8.15 -9.27 10.46
N ILE A 221 6.95 -8.71 10.52
CA ILE A 221 6.10 -8.83 11.71
C ILE A 221 5.99 -10.30 12.15
N PHE A 222 5.76 -11.15 11.16
CA PHE A 222 5.58 -12.58 11.39
C PHE A 222 6.79 -13.29 11.99
N ARG A 223 7.96 -13.08 11.40
CA ARG A 223 9.19 -13.71 11.88
C ARG A 223 9.51 -13.35 13.33
N ARG A 224 9.26 -12.11 13.71
CA ARG A 224 9.56 -11.70 15.07
C ARG A 224 8.61 -12.37 16.06
N LYS A 225 7.33 -12.41 15.69
CA LYS A 225 6.31 -13.04 16.53
C LYS A 225 6.64 -14.51 16.83
N HIS A 226 7.23 -15.21 15.87
CA HIS A 226 7.59 -16.62 16.05
C HIS A 226 9.10 -16.81 15.99
N ALA A 227 9.81 -15.85 16.56
CA ALA A 227 11.26 -15.90 16.60
C ALA A 227 11.69 -17.29 17.00
N GLY A 228 12.75 -17.78 16.37
CA GLY A 228 13.26 -19.10 16.70
C GLY A 228 12.64 -20.27 15.95
N SER A 229 11.38 -20.15 15.55
CA SER A 229 10.73 -21.23 14.82
C SER A 229 11.48 -21.53 13.52
N ARG A 230 11.97 -22.76 13.37
CA ARG A 230 12.69 -23.11 12.14
C ARG A 230 11.69 -23.17 10.98
N ILE A 231 10.44 -23.52 11.28
CA ILE A 231 9.40 -23.60 10.25
C ILE A 231 9.26 -22.26 9.54
N VAL A 232 9.09 -21.19 10.33
CA VAL A 232 8.92 -19.85 9.78
C VAL A 232 10.18 -19.32 9.07
N GLU A 233 11.35 -19.78 9.51
CA GLU A 233 12.63 -19.37 8.90
C GLU A 233 12.77 -20.02 7.52
N GLU A 234 12.48 -21.32 7.44
CA GLU A 234 12.53 -22.05 6.17
C GLU A 234 11.65 -21.30 5.18
N LEU A 235 10.41 -21.03 5.59
CA LEU A 235 9.40 -20.33 4.79
C LEU A 235 9.89 -19.01 4.21
N ILE A 236 10.34 -18.11 5.09
CA ILE A 236 10.83 -16.83 4.62
C ILE A 236 12.01 -17.03 3.66
N THR A 237 12.90 -17.97 3.96
CA THR A 237 14.03 -18.22 3.07
C THR A 237 13.53 -18.69 1.70
N SER A 238 12.43 -19.44 1.67
CA SER A 238 11.86 -19.91 0.41
C SER A 238 11.28 -18.74 -0.37
N ASN A 239 10.45 -17.94 0.30
CA ASN A 239 9.83 -16.79 -0.35
C ASN A 239 10.83 -15.93 -1.10
N HIS A 240 11.91 -15.54 -0.42
CA HIS A 240 12.96 -14.73 -1.03
C HIS A 240 13.59 -15.43 -2.21
N HIS A 241 13.75 -16.75 -2.12
CA HIS A 241 14.34 -17.52 -3.20
C HIS A 241 13.40 -17.44 -4.40
N GLU A 242 12.11 -17.68 -4.16
CA GLU A 242 11.11 -17.64 -5.23
C GLU A 242 11.06 -16.28 -5.91
N ALA A 243 10.86 -15.22 -5.12
CA ALA A 243 10.81 -13.85 -5.63
C ALA A 243 12.07 -13.51 -6.41
N GLU A 244 13.21 -14.03 -5.92
CA GLU A 244 14.52 -13.81 -6.55
C GLU A 244 14.59 -14.48 -7.93
N LEU A 245 14.19 -15.75 -7.98
CA LEU A 245 14.20 -16.48 -9.23
C LEU A 245 13.28 -15.82 -10.26
N TYR A 246 12.17 -15.26 -9.81
CA TYR A 246 11.24 -14.62 -10.74
C TYR A 246 11.81 -13.35 -11.38
N SER A 247 12.49 -12.51 -10.59
CA SER A 247 13.08 -11.29 -11.16
C SER A 247 14.21 -11.62 -12.13
N LYS A 248 14.87 -12.76 -11.90
CA LYS A 248 15.96 -13.19 -12.73
C LYS A 248 15.54 -14.01 -13.94
N TYR A 249 14.35 -14.63 -13.89
CA TYR A 249 13.88 -15.46 -15.01
C TYR A 249 12.43 -15.23 -15.46
N LYS A 250 11.86 -14.10 -15.04
CA LYS A 250 10.47 -13.75 -15.35
C LYS A 250 10.19 -13.70 -16.85
N ALA A 251 11.22 -13.91 -17.66
CA ALA A 251 11.04 -13.89 -19.10
C ALA A 251 10.95 -15.32 -19.63
N TYR A 252 11.01 -16.30 -18.75
CA TYR A 252 10.94 -17.69 -19.19
C TYR A 252 9.73 -18.43 -18.65
N TYR A 253 9.00 -17.81 -17.72
CA TYR A 253 7.83 -18.46 -17.14
C TYR A 253 6.86 -17.47 -16.46
N GLY A 254 5.67 -17.96 -16.13
CA GLY A 254 4.69 -17.10 -15.49
C GLY A 254 3.44 -17.86 -15.13
N TYR A 255 2.33 -17.15 -14.99
CA TYR A 255 1.06 -17.77 -14.67
C TYR A 255 0.07 -17.43 -15.79
N ALA A 256 -0.74 -18.40 -16.20
CA ALA A 256 -1.73 -18.18 -17.24
C ALA A 256 -3.11 -18.62 -16.80
N PHE A 257 -4.13 -17.95 -17.31
CA PHE A 257 -5.51 -18.29 -16.96
C PHE A 257 -6.11 -19.05 -18.12
N PHE A 258 -6.76 -20.16 -17.81
CA PHE A 258 -7.41 -20.96 -18.84
C PHE A 258 -8.89 -20.99 -18.55
N ILE A 259 -9.70 -20.56 -19.51
CA ILE A 259 -11.16 -20.58 -19.37
C ILE A 259 -11.61 -21.68 -20.33
N CYS A 260 -11.96 -22.85 -19.78
CA CYS A 260 -12.36 -24.00 -20.58
C CYS A 260 -13.85 -24.32 -20.51
N LYS A 261 -14.47 -24.55 -21.67
CA LYS A 261 -15.90 -24.87 -21.72
C LYS A 261 -16.11 -26.35 -21.96
N LYS A 262 -16.99 -26.97 -21.17
CA LYS A 262 -17.24 -28.39 -21.30
C LYS A 262 -17.86 -28.72 -22.66
N GLY A 263 -17.38 -29.77 -23.30
CA GLY A 263 -17.89 -30.14 -24.60
C GLY A 263 -18.94 -31.25 -24.57
N PHE A 264 -18.83 -32.19 -25.49
CA PHE A 264 -19.75 -33.32 -25.61
C PHE A 264 -21.11 -32.87 -26.13
N PHE B 17 13.02 11.45 29.30
CA PHE B 17 13.24 12.91 29.06
C PHE B 17 14.11 13.15 27.85
N ASP B 18 14.71 12.10 27.31
CA ASP B 18 15.56 12.27 26.15
C ASP B 18 14.79 12.87 24.97
N VAL B 19 13.55 12.42 24.79
CA VAL B 19 12.70 12.90 23.70
C VAL B 19 12.00 14.22 24.04
N ASN B 20 11.47 14.31 25.26
CA ASN B 20 10.77 15.51 25.72
C ASN B 20 11.60 16.78 25.71
N LEU B 21 12.90 16.65 26.04
CA LEU B 21 13.80 17.81 26.02
C LEU B 21 13.84 18.44 24.61
N ILE B 22 13.84 17.61 23.56
CA ILE B 22 13.86 18.17 22.21
C ILE B 22 12.49 18.84 21.93
N CYS B 23 11.40 18.16 22.26
CA CYS B 23 10.06 18.73 22.04
C CYS B 23 9.91 20.04 22.80
N ASP B 24 10.44 20.05 24.01
CA ASP B 24 10.39 21.25 24.84
C ASP B 24 11.03 22.44 24.13
N PHE B 25 12.15 22.22 23.45
CA PHE B 25 12.85 23.30 22.74
C PHE B 25 11.97 23.96 21.69
N PHE B 26 11.42 23.14 20.79
CA PHE B 26 10.57 23.63 19.72
C PHE B 26 9.31 24.34 20.18
N LEU B 27 8.94 24.12 21.43
CA LEU B 27 7.76 24.79 21.98
C LEU B 27 8.08 26.26 22.21
N ASN B 28 9.37 26.60 22.18
CA ASN B 28 9.81 27.99 22.38
C ASN B 28 10.35 28.60 21.08
N THR B 29 9.99 27.98 19.96
CA THR B 29 10.41 28.43 18.62
C THR B 29 9.17 28.64 17.77
N GLU B 30 9.33 29.40 16.70
CA GLU B 30 8.22 29.71 15.80
C GLU B 30 7.68 28.45 15.12
N ARG B 31 8.57 27.75 14.42
CA ARG B 31 8.22 26.53 13.72
C ARG B 31 9.38 25.56 13.76
N GLN B 32 9.18 24.36 13.23
CA GLN B 32 10.21 23.34 13.24
C GLN B 32 10.90 23.17 11.89
N GLY B 33 10.61 24.09 10.98
CA GLY B 33 11.19 24.02 9.65
C GLY B 33 10.76 25.21 8.82
N PRO B 34 11.44 25.46 7.69
CA PRO B 34 11.12 26.59 6.82
C PRO B 34 9.63 26.75 6.64
N GLY B 35 9.18 27.99 6.63
CA GLY B 35 7.77 28.27 6.45
C GLY B 35 7.39 29.62 7.02
N SER B 36 6.22 30.12 6.67
CA SER B 36 5.79 31.40 7.18
C SER B 36 4.31 31.53 6.92
N PRO B 37 3.64 32.44 7.65
CA PRO B 37 2.21 32.67 7.49
C PRO B 37 1.81 32.99 6.05
N GLU B 38 2.56 33.88 5.41
CA GLU B 38 2.30 34.30 4.02
C GLU B 38 2.41 33.12 3.06
N VAL B 39 3.33 32.19 3.32
CA VAL B 39 3.49 31.03 2.46
C VAL B 39 2.34 30.05 2.65
N THR B 40 1.90 29.88 3.88
CA THR B 40 0.78 28.97 4.17
C THR B 40 -0.48 29.46 3.46
N LEU B 41 -0.73 30.76 3.50
CA LEU B 41 -1.91 31.33 2.84
C LEU B 41 -1.79 31.30 1.32
N LYS B 42 -0.59 31.52 0.80
CA LYS B 42 -0.38 31.49 -0.63
C LYS B 42 -0.67 30.05 -1.11
N ALA B 43 -0.19 29.06 -0.37
CA ALA B 43 -0.43 27.67 -0.73
C ALA B 43 -1.94 27.43 -0.69
N LEU B 44 -2.59 28.07 0.28
CA LEU B 44 -4.04 27.95 0.47
C LEU B 44 -4.84 28.62 -0.66
N SER B 45 -4.29 29.70 -1.22
CA SER B 45 -4.96 30.41 -2.30
C SER B 45 -5.27 29.50 -3.50
N PHE B 46 -4.72 28.29 -3.50
CA PHE B 46 -4.90 27.35 -4.60
C PHE B 46 -5.95 26.27 -4.34
N ILE B 47 -6.47 26.22 -3.12
CA ILE B 47 -7.52 25.27 -2.78
C ILE B 47 -8.86 26.02 -2.90
N ASP B 48 -9.67 25.61 -3.88
CA ASP B 48 -10.96 26.24 -4.16
C ASP B 48 -12.18 25.33 -4.06
N ASN B 49 -12.15 24.35 -3.17
CA ASN B 49 -13.28 23.43 -3.04
C ASN B 49 -13.68 23.32 -1.56
N LEU B 50 -13.36 24.34 -0.78
CA LEU B 50 -13.66 24.31 0.64
C LEU B 50 -15.00 24.92 0.99
N THR B 51 -15.68 24.27 1.94
CA THR B 51 -16.99 24.71 2.43
C THR B 51 -17.11 24.28 3.89
N ASN B 52 -18.20 24.71 4.52
CA ASN B 52 -18.49 24.38 5.91
C ASN B 52 -18.44 22.87 6.16
N LYS B 53 -18.83 22.09 5.16
CA LYS B 53 -18.86 20.63 5.27
C LYS B 53 -17.54 19.95 4.94
N SER B 54 -16.48 20.75 4.76
CA SER B 54 -15.17 20.18 4.43
C SER B 54 -14.44 19.60 5.63
N LEU B 55 -13.74 18.49 5.38
CA LEU B 55 -12.96 17.85 6.41
C LEU B 55 -11.49 17.98 6.04
N ILE B 56 -10.76 18.72 6.86
CA ILE B 56 -9.36 18.98 6.61
C ILE B 56 -8.49 18.31 7.66
N ALA B 57 -7.32 17.82 7.24
CA ALA B 57 -6.39 17.16 8.15
C ALA B 57 -4.97 17.72 8.02
N ASP B 58 -4.37 18.05 9.17
CA ASP B 58 -3.00 18.57 9.22
C ASP B 58 -2.14 17.45 9.80
N LEU B 59 -1.41 16.75 8.93
CA LEU B 59 -0.56 15.62 9.35
C LEU B 59 0.89 16.00 9.69
N GLY B 60 1.25 15.86 10.97
CA GLY B 60 2.57 16.24 11.40
C GLY B 60 2.42 17.70 11.79
N CYS B 61 1.20 18.03 12.19
CA CYS B 61 0.80 19.37 12.59
C CYS B 61 1.74 20.07 13.56
N GLY B 62 2.47 19.29 14.36
CA GLY B 62 3.36 19.90 15.32
C GLY B 62 2.59 20.73 16.34
N THR B 63 3.08 21.92 16.66
CA THR B 63 2.41 22.80 17.63
C THR B 63 1.17 23.44 17.04
N GLY B 64 0.85 23.08 15.80
CA GLY B 64 -0.34 23.60 15.15
C GLY B 64 -0.28 25.04 14.64
N GLY B 65 0.91 25.64 14.70
CA GLY B 65 1.09 27.00 14.24
C GLY B 65 0.44 27.34 12.91
N GLN B 66 0.72 26.53 11.88
CA GLN B 66 0.14 26.80 10.57
C GLN B 66 -1.32 26.29 10.49
N THR B 67 -1.72 25.46 11.46
CA THR B 67 -3.07 24.93 11.51
C THR B 67 -4.08 26.01 11.86
N MET B 68 -3.69 26.88 12.79
CA MET B 68 -4.56 27.97 13.23
C MET B 68 -4.74 28.97 12.09
N ILE B 69 -3.67 29.20 11.32
CA ILE B 69 -3.72 30.11 10.19
C ILE B 69 -4.76 29.66 9.17
N LEU B 70 -4.89 28.35 8.97
CA LEU B 70 -5.86 27.81 8.03
C LEU B 70 -7.25 28.04 8.60
N ALA B 71 -7.48 27.46 9.78
CA ALA B 71 -8.77 27.55 10.45
C ALA B 71 -9.34 28.96 10.54
N GLN B 72 -8.52 29.96 10.22
CA GLN B 72 -8.96 31.34 10.30
C GLN B 72 -9.22 31.91 8.94
N HIS B 73 -8.84 31.16 7.90
CA HIS B 73 -9.05 31.61 6.54
C HIS B 73 -9.89 30.64 5.73
N VAL B 74 -10.35 29.58 6.37
CA VAL B 74 -11.17 28.59 5.67
C VAL B 74 -12.20 27.97 6.59
N PRO B 75 -13.39 27.68 6.06
CA PRO B 75 -14.44 27.06 6.86
C PRO B 75 -14.24 25.55 6.84
N GLY B 76 -14.81 24.86 7.81
CA GLY B 76 -14.67 23.43 7.85
C GLY B 76 -13.93 23.04 9.11
N LYS B 77 -13.95 21.75 9.42
CA LYS B 77 -13.28 21.25 10.60
C LYS B 77 -11.87 20.74 10.28
N ILE B 78 -10.94 21.03 11.18
CA ILE B 78 -9.55 20.64 11.02
C ILE B 78 -9.04 19.74 12.15
N THR B 79 -8.50 18.58 11.77
CA THR B 79 -7.96 17.65 12.74
C THR B 79 -6.44 17.56 12.63
N GLY B 80 -5.74 18.04 13.65
CA GLY B 80 -4.29 17.98 13.62
C GLY B 80 -3.81 16.65 14.17
N ILE B 81 -2.79 16.08 13.56
CA ILE B 81 -2.24 14.82 14.05
C ILE B 81 -0.72 14.96 14.16
N ASP B 82 -0.15 14.43 15.23
CA ASP B 82 1.28 14.49 15.42
C ASP B 82 1.70 13.42 16.39
N PHE B 83 2.96 12.99 16.29
CA PHE B 83 3.51 11.93 17.14
C PHE B 83 3.77 12.29 18.62
N PHE B 84 4.06 13.56 18.90
CA PHE B 84 4.37 13.97 20.28
C PHE B 84 3.25 14.68 21.09
N PRO B 85 2.82 14.06 22.21
CA PRO B 85 1.79 14.59 23.11
C PRO B 85 2.03 16.05 23.49
N GLY B 86 3.30 16.36 23.72
CA GLY B 86 3.69 17.70 24.10
C GLY B 86 3.28 18.73 23.07
N PHE B 87 3.40 18.39 21.78
CA PHE B 87 2.99 19.33 20.76
C PHE B 87 1.48 19.41 20.71
N ILE B 88 0.83 18.25 20.64
CA ILE B 88 -0.63 18.18 20.59
C ILE B 88 -1.24 18.94 21.76
N GLU B 89 -0.53 18.96 22.88
CA GLU B 89 -1.04 19.67 24.05
C GLU B 89 -1.07 21.17 23.80
N ARG B 90 0.04 21.74 23.35
CA ARG B 90 0.09 23.15 23.07
C ARG B 90 -0.91 23.47 21.96
N PHE B 91 -0.97 22.58 20.97
CA PHE B 91 -1.88 22.72 19.81
C PHE B 91 -3.31 22.99 20.29
N ASN B 92 -3.80 22.16 21.21
CA ASN B 92 -5.15 22.35 21.71
C ASN B 92 -5.22 23.59 22.60
N LYS B 93 -4.20 23.78 23.43
CA LYS B 93 -4.17 24.95 24.31
C LYS B 93 -4.40 26.20 23.45
N ASN B 94 -3.59 26.33 22.40
CA ASN B 94 -3.70 27.48 21.50
C ASN B 94 -5.05 27.55 20.80
N ALA B 95 -5.53 26.39 20.38
CA ALA B 95 -6.81 26.30 19.69
C ALA B 95 -7.88 26.88 20.59
N GLU B 96 -7.74 26.66 21.89
CA GLU B 96 -8.72 27.17 22.86
C GLU B 96 -8.61 28.67 23.11
N LYS B 97 -7.40 29.20 23.06
CA LYS B 97 -7.20 30.63 23.25
C LYS B 97 -7.92 31.40 22.14
N LEU B 98 -8.03 30.77 20.97
CA LEU B 98 -8.67 31.38 19.82
C LEU B 98 -10.12 30.90 19.68
N ASN B 99 -10.61 30.20 20.70
CA ASN B 99 -11.97 29.68 20.68
C ASN B 99 -12.23 28.98 19.34
N LEU B 100 -11.36 28.02 19.02
CA LEU B 100 -11.43 27.24 17.78
C LEU B 100 -11.48 25.74 18.06
N GLN B 101 -11.26 25.37 19.32
CA GLN B 101 -11.24 23.96 19.70
C GLN B 101 -12.50 23.25 19.23
N ASN B 102 -13.51 24.05 18.89
CA ASN B 102 -14.78 23.54 18.42
C ASN B 102 -14.67 22.91 17.03
N ARG B 103 -13.89 23.53 16.15
CA ARG B 103 -13.69 23.00 14.81
C ARG B 103 -12.24 22.66 14.49
N VAL B 104 -11.38 22.79 15.50
CA VAL B 104 -9.97 22.44 15.34
C VAL B 104 -9.57 21.61 16.56
N LYS B 105 -9.37 20.31 16.39
CA LYS B 105 -8.95 19.46 17.50
C LYS B 105 -7.60 18.78 17.25
N GLY B 106 -6.78 18.72 18.29
CA GLY B 106 -5.48 18.09 18.19
C GLY B 106 -5.52 16.64 18.62
N ILE B 107 -4.77 15.79 17.95
CA ILE B 107 -4.76 14.38 18.26
C ILE B 107 -3.38 13.75 18.05
N VAL B 108 -3.04 12.79 18.91
CA VAL B 108 -1.75 12.12 18.82
C VAL B 108 -1.83 10.83 18.02
N GLY B 109 -1.21 10.83 16.84
CA GLY B 109 -1.22 9.65 15.98
C GLY B 109 0.00 9.62 15.07
N SER B 110 0.09 8.63 14.19
CA SER B 110 1.21 8.52 13.26
C SER B 110 0.79 8.60 11.81
N MET B 111 1.56 9.34 11.01
CA MET B 111 1.28 9.53 9.58
C MET B 111 1.02 8.24 8.78
N ASP B 112 1.52 7.12 9.27
CA ASP B 112 1.34 5.85 8.57
C ASP B 112 0.20 4.98 9.15
N ASP B 113 0.02 5.06 10.47
CA ASP B 113 -1.02 4.30 11.13
C ASP B 113 -2.29 5.14 11.26
N LEU B 114 -2.75 5.72 10.14
CA LEU B 114 -3.96 6.53 10.15
C LEU B 114 -5.22 5.68 10.07
N SER B 115 -6.33 6.26 10.51
CA SER B 115 -7.62 5.57 10.55
C SER B 115 -8.73 6.41 9.92
N PHE B 116 -8.37 7.22 8.93
CA PHE B 116 -9.37 8.06 8.27
C PHE B 116 -10.22 7.22 7.32
N GLU B 117 -11.52 7.48 7.31
CA GLU B 117 -12.39 6.75 6.42
C GLU B 117 -11.91 7.04 5.00
N LYS B 118 -11.85 6.01 4.16
CA LYS B 118 -11.39 6.17 2.78
C LYS B 118 -12.21 7.20 1.99
N ASP B 119 -11.53 8.07 1.26
CA ASP B 119 -12.21 9.08 0.45
C ASP B 119 -13.11 10.01 1.26
N SER B 120 -12.65 10.41 2.46
CA SER B 120 -13.46 11.29 3.30
C SER B 120 -12.94 12.70 3.46
N LEU B 121 -11.66 12.92 3.17
CA LEU B 121 -11.05 14.25 3.32
C LEU B 121 -11.07 15.14 2.07
N ASP B 122 -11.29 16.43 2.28
CA ASP B 122 -11.30 17.38 1.18
C ASP B 122 -9.91 18.00 1.02
N LEU B 123 -9.13 18.00 2.11
CA LEU B 123 -7.80 18.59 2.11
C LEU B 123 -6.85 17.99 3.14
N ILE B 124 -5.67 17.57 2.70
CA ILE B 124 -4.66 17.05 3.61
C ILE B 124 -3.48 18.05 3.64
N TRP B 125 -3.21 18.62 4.80
CA TRP B 125 -2.14 19.61 4.96
C TRP B 125 -0.95 18.97 5.66
N SER B 126 0.25 19.44 5.39
CA SER B 126 1.43 18.87 6.02
C SER B 126 2.68 19.66 5.71
N GLU B 127 3.03 20.59 6.59
CA GLU B 127 4.22 21.40 6.41
C GLU B 127 5.48 20.84 7.05
N GLY B 128 6.47 20.58 6.21
CA GLY B 128 7.76 20.07 6.65
C GLY B 128 7.67 18.85 7.52
N ALA B 129 6.82 17.90 7.13
CA ALA B 129 6.69 16.70 7.93
C ALA B 129 6.58 15.41 7.13
N ILE B 130 6.28 15.51 5.84
CA ILE B 130 6.13 14.30 5.06
C ILE B 130 7.43 13.47 4.96
N TYR B 131 8.56 14.08 5.27
CA TYR B 131 9.85 13.38 5.20
C TYR B 131 9.86 12.16 6.15
N ASN B 132 9.05 12.20 7.20
CA ASN B 132 8.98 11.10 8.16
C ASN B 132 8.51 9.80 7.50
N ILE B 133 7.44 9.89 6.73
CA ILE B 133 6.88 8.72 6.07
C ILE B 133 7.51 8.54 4.69
N GLY B 134 8.05 9.63 4.16
CA GLY B 134 8.65 9.59 2.83
C GLY B 134 7.77 10.32 1.84
N PHE B 135 8.35 11.11 0.95
CA PHE B 135 7.56 11.86 -0.02
C PHE B 135 6.64 10.97 -0.87
N GLU B 136 7.21 10.10 -1.68
CA GLU B 136 6.41 9.22 -2.54
C GLU B 136 5.41 8.38 -1.76
N ARG B 137 5.85 7.81 -0.65
CA ARG B 137 4.97 6.98 0.15
C ARG B 137 3.77 7.77 0.63
N GLY B 138 4.01 9.00 1.11
CA GLY B 138 2.94 9.85 1.57
C GLY B 138 1.92 10.02 0.48
N LEU B 139 2.39 10.41 -0.71
CA LEU B 139 1.53 10.60 -1.87
C LEU B 139 0.65 9.38 -2.11
N LYS B 140 1.29 8.22 -2.20
CA LYS B 140 0.58 6.97 -2.43
C LYS B 140 -0.45 6.67 -1.32
N GLU B 141 0.03 6.58 -0.08
CA GLU B 141 -0.84 6.27 1.06
C GLU B 141 -1.88 7.31 1.44
N TRP B 142 -1.53 8.59 1.41
CA TRP B 142 -2.51 9.62 1.78
C TRP B 142 -3.62 9.81 0.76
N ARG B 143 -3.35 9.44 -0.49
CA ARG B 143 -4.33 9.59 -1.55
C ARG B 143 -5.64 8.87 -1.23
N ASN B 144 -5.53 7.78 -0.47
CA ASN B 144 -6.69 6.98 -0.10
C ASN B 144 -7.69 7.66 0.80
N TYR B 145 -7.24 8.65 1.57
CA TYR B 145 -8.11 9.36 2.49
C TYR B 145 -8.77 10.59 1.87
N LEU B 146 -8.33 10.94 0.67
CA LEU B 146 -8.86 12.11 -0.03
C LEU B 146 -10.08 11.81 -0.93
N LYS B 147 -11.10 12.68 -0.90
CA LYS B 147 -12.26 12.48 -1.76
C LYS B 147 -11.72 12.66 -3.17
N PRO B 148 -12.34 12.03 -4.17
CA PRO B 148 -11.79 12.24 -5.51
C PRO B 148 -11.85 13.73 -5.83
N GLY B 149 -10.73 14.30 -6.30
CA GLY B 149 -10.69 15.71 -6.62
C GLY B 149 -10.38 16.53 -5.39
N GLY B 150 -9.74 15.88 -4.42
CA GLY B 150 -9.38 16.56 -3.19
C GLY B 150 -7.99 17.17 -3.34
N TYR B 151 -7.54 17.87 -2.30
CA TYR B 151 -6.24 18.52 -2.32
C TYR B 151 -5.29 18.10 -1.21
N LEU B 152 -4.03 17.86 -1.58
CA LEU B 152 -2.99 17.48 -0.65
C LEU B 152 -1.95 18.60 -0.74
N ALA B 153 -1.75 19.34 0.34
CA ALA B 153 -0.78 20.43 0.31
C ALA B 153 0.39 20.17 1.24
N VAL B 154 1.57 19.95 0.67
CA VAL B 154 2.75 19.66 1.48
C VAL B 154 3.97 20.49 1.10
N SER B 155 4.83 20.79 2.08
CA SER B 155 6.07 21.50 1.82
C SER B 155 7.19 20.50 2.06
N GLU B 156 8.10 20.38 1.11
CA GLU B 156 9.19 19.42 1.18
C GLU B 156 10.55 20.01 0.78
N SER B 157 11.61 19.29 1.11
CA SER B 157 12.98 19.69 0.79
C SER B 157 13.32 19.42 -0.67
N VAL B 158 13.85 20.42 -1.37
CA VAL B 158 14.17 20.21 -2.77
C VAL B 158 15.53 20.71 -3.22
N TRP B 159 16.00 20.12 -4.33
CA TRP B 159 17.26 20.49 -4.97
C TRP B 159 16.92 21.54 -6.04
N PHE B 160 17.66 22.64 -6.06
CA PHE B 160 17.41 23.70 -7.04
C PHE B 160 18.12 23.44 -8.38
N THR B 161 19.16 22.62 -8.36
CA THR B 161 19.93 22.30 -9.56
C THR B 161 20.22 20.80 -9.59
N ASP B 162 20.76 20.33 -10.72
CA ASP B 162 21.10 18.91 -10.89
C ASP B 162 22.50 18.62 -10.38
N GLN B 163 23.26 19.67 -10.09
CA GLN B 163 24.64 19.54 -9.60
C GLN B 163 24.83 20.32 -8.29
N ARG B 164 25.33 19.64 -7.26
CA ARG B 164 25.57 20.28 -5.96
C ARG B 164 26.95 19.97 -5.36
N PRO B 165 27.53 20.94 -4.64
CA PRO B 165 28.83 20.72 -4.03
C PRO B 165 28.74 19.49 -3.12
N ALA B 166 29.81 18.68 -3.09
CA ALA B 166 29.84 17.46 -2.29
C ALA B 166 29.34 17.65 -0.84
N GLU B 167 29.76 18.73 -0.20
CA GLU B 167 29.38 19.01 1.18
C GLU B 167 27.88 18.98 1.47
N ILE B 168 27.15 19.88 0.83
CA ILE B 168 25.70 20.00 1.03
C ILE B 168 24.93 18.75 0.60
N HIS B 169 25.40 18.10 -0.46
CA HIS B 169 24.74 16.88 -0.95
C HIS B 169 24.86 15.73 0.07
N ASP B 170 26.09 15.50 0.56
CA ASP B 170 26.33 14.43 1.54
C ASP B 170 25.55 14.67 2.83
N PHE B 171 25.40 15.94 3.19
CA PHE B 171 24.67 16.31 4.39
C PHE B 171 23.24 15.78 4.33
N TRP B 172 22.57 16.01 3.20
CA TRP B 172 21.18 15.57 3.03
C TRP B 172 21.09 14.07 2.92
N MET B 173 22.13 13.46 2.33
CA MET B 173 22.16 12.02 2.19
C MET B 173 22.26 11.35 3.55
N SER B 174 22.58 12.12 4.59
CA SER B 174 22.70 11.59 5.94
C SER B 174 21.41 11.77 6.74
N ALA B 175 20.60 12.75 6.34
CA ALA B 175 19.34 13.05 7.01
C ALA B 175 18.13 12.51 6.25
N TYR B 176 17.79 13.19 5.17
CA TYR B 176 16.65 12.83 4.34
C TYR B 176 17.13 12.41 2.95
N THR B 177 17.16 11.11 2.70
CA THR B 177 17.62 10.60 1.41
C THR B 177 16.70 10.96 0.21
N GLU B 178 15.43 11.19 0.49
CA GLU B 178 14.48 11.52 -0.57
C GLU B 178 14.51 12.94 -1.15
N ILE B 179 15.39 13.80 -0.63
CA ILE B 179 15.48 15.14 -1.16
C ILE B 179 15.77 15.03 -2.64
N ASP B 180 14.92 15.64 -3.47
CA ASP B 180 15.10 15.57 -4.90
C ASP B 180 14.90 16.96 -5.52
N THR B 181 15.01 17.04 -6.84
CA THR B 181 14.80 18.31 -7.54
C THR B 181 13.30 18.47 -7.80
N VAL B 182 12.88 19.69 -8.09
CA VAL B 182 11.47 19.95 -8.36
C VAL B 182 10.90 19.10 -9.51
N PRO B 183 11.62 19.03 -10.64
CA PRO B 183 11.11 18.24 -11.76
C PRO B 183 10.75 16.81 -11.34
N ASN B 184 11.59 16.21 -10.50
CA ASN B 184 11.36 14.85 -10.04
C ASN B 184 10.22 14.77 -9.03
N LYS B 185 10.13 15.73 -8.11
CA LYS B 185 9.04 15.71 -7.12
C LYS B 185 7.72 15.86 -7.87
N VAL B 186 7.70 16.74 -8.87
CA VAL B 186 6.49 16.98 -9.63
C VAL B 186 6.12 15.75 -10.45
N ALA B 187 7.14 15.07 -10.99
CA ALA B 187 6.92 13.88 -11.78
C ALA B 187 6.21 12.84 -10.91
N GLN B 188 6.78 12.58 -9.74
CA GLN B 188 6.24 11.63 -8.77
C GLN B 188 4.77 11.92 -8.42
N ILE B 189 4.48 13.19 -8.10
CA ILE B 189 3.12 13.59 -7.76
C ILE B 189 2.15 13.10 -8.83
N GLN B 190 2.47 13.36 -10.10
CA GLN B 190 1.60 12.95 -11.20
C GLN B 190 1.52 11.41 -11.29
N LYS B 191 2.67 10.74 -11.15
CA LYS B 191 2.75 9.29 -11.19
C LYS B 191 1.87 8.68 -10.08
N ALA B 192 1.80 9.36 -8.95
CA ALA B 192 1.02 8.90 -7.81
C ALA B 192 -0.48 9.00 -8.06
N GLY B 193 -0.85 9.80 -9.06
CA GLY B 193 -2.26 9.94 -9.37
C GLY B 193 -2.87 11.30 -9.04
N TYR B 194 -2.02 12.31 -8.99
CA TYR B 194 -2.50 13.67 -8.70
C TYR B 194 -2.18 14.54 -9.89
N ILE B 195 -2.71 15.75 -9.85
CA ILE B 195 -2.47 16.71 -10.89
C ILE B 195 -1.71 17.78 -10.15
N PRO B 196 -0.47 18.08 -10.56
CA PRO B 196 0.34 19.10 -9.89
C PRO B 196 -0.22 20.52 -10.13
N VAL B 197 -1.35 20.81 -9.49
CA VAL B 197 -2.02 22.10 -9.65
C VAL B 197 -1.21 23.32 -9.28
N ALA B 198 -0.32 23.21 -8.29
CA ALA B 198 0.48 24.35 -7.90
C ALA B 198 1.75 23.94 -7.16
N THR B 199 2.88 24.52 -7.57
CA THR B 199 4.16 24.19 -6.98
C THR B 199 4.99 25.46 -6.90
N PHE B 200 5.65 25.69 -5.78
CA PHE B 200 6.52 26.86 -5.67
C PHE B 200 7.52 26.74 -4.55
N ILE B 201 8.68 27.36 -4.76
CA ILE B 201 9.77 27.32 -3.79
C ILE B 201 9.62 28.42 -2.75
N LEU B 202 9.87 28.07 -1.50
CA LEU B 202 9.75 29.04 -0.42
C LEU B 202 10.81 30.11 -0.46
N PRO B 203 10.46 31.34 -0.06
CA PRO B 203 11.40 32.47 -0.03
C PRO B 203 12.45 32.25 1.07
N GLU B 204 13.52 33.02 1.07
CA GLU B 204 14.55 32.84 2.08
C GLU B 204 14.15 33.23 3.50
N ASN B 205 13.32 34.25 3.65
CA ASN B 205 12.92 34.66 4.99
C ASN B 205 12.16 33.53 5.68
N CYS B 206 11.89 32.46 4.93
CA CYS B 206 11.19 31.30 5.48
C CYS B 206 12.19 30.47 6.25
N TRP B 207 13.48 30.74 6.04
CA TRP B 207 14.54 30.02 6.72
C TRP B 207 15.20 30.92 7.75
N ILE B 208 15.39 32.18 7.40
CA ILE B 208 16.04 33.10 8.31
C ILE B 208 15.07 33.75 9.27
N GLU B 209 14.29 34.71 8.78
CA GLU B 209 13.33 35.42 9.62
C GLU B 209 12.38 34.56 10.42
N HIS B 210 11.81 33.52 9.83
CA HIS B 210 10.85 32.67 10.54
C HIS B 210 11.31 31.31 11.05
N TYR B 211 12.61 31.03 11.02
CA TYR B 211 13.06 29.72 11.47
C TYR B 211 14.37 29.81 12.24
N PHE B 212 15.48 29.90 11.51
CA PHE B 212 16.80 29.99 12.14
C PHE B 212 16.93 31.18 13.10
N ALA B 213 16.51 32.35 12.64
CA ALA B 213 16.59 33.55 13.48
C ALA B 213 15.94 33.34 14.86
N PRO B 214 14.61 33.04 14.90
CA PRO B 214 13.90 32.83 16.17
C PRO B 214 14.45 31.64 16.94
N GLN B 215 15.06 30.71 16.21
CA GLN B 215 15.63 29.53 16.84
C GLN B 215 16.81 29.92 17.74
N ALA B 216 17.77 30.65 17.17
CA ALA B 216 18.95 31.11 17.91
C ALA B 216 18.55 31.78 19.22
N LYS B 217 17.62 32.73 19.14
CA LYS B 217 17.12 33.46 20.31
C LYS B 217 16.78 32.52 21.47
N ALA B 218 16.14 31.41 21.15
CA ALA B 218 15.76 30.43 22.15
C ALA B 218 16.96 29.62 22.62
N GLU B 219 17.83 29.24 21.69
CA GLU B 219 19.01 28.42 22.02
C GLU B 219 19.76 28.87 23.26
N GLU B 220 19.74 30.17 23.54
CA GLU B 220 20.43 30.72 24.69
C GLU B 220 19.70 30.45 26.01
N ILE B 221 18.49 30.95 26.15
CA ILE B 221 17.68 30.73 27.35
C ILE B 221 17.58 29.23 27.66
N PHE B 222 17.35 28.46 26.60
CA PHE B 222 17.18 27.01 26.72
C PHE B 222 18.42 26.28 27.22
N ARG B 223 19.58 26.55 26.61
CA ARG B 223 20.81 25.89 27.01
C ARG B 223 21.18 26.12 28.47
N ARG B 224 20.90 27.32 28.98
CA ARG B 224 21.23 27.60 30.37
C ARG B 224 20.30 26.84 31.31
N LYS B 225 19.03 26.79 30.96
CA LYS B 225 18.06 26.10 31.76
C LYS B 225 18.42 24.63 31.95
N HIS B 226 18.99 24.02 30.90
CA HIS B 226 19.37 22.61 30.96
C HIS B 226 20.88 22.44 30.84
N ALA B 227 21.60 23.36 31.48
CA ALA B 227 23.04 23.31 31.47
C ALA B 227 23.53 21.88 31.75
N GLY B 228 24.57 21.46 31.04
CA GLY B 228 25.08 20.12 31.26
C GLY B 228 24.45 19.02 30.43
N SER B 229 23.17 19.16 30.08
CA SER B 229 22.52 18.13 29.25
C SER B 229 23.23 17.97 27.91
N ARG B 230 23.71 16.76 27.62
CA ARG B 230 24.40 16.52 26.36
C ARG B 230 23.38 16.58 25.23
N ILE B 231 22.15 16.17 25.52
CA ILE B 231 21.07 16.18 24.52
C ILE B 231 20.88 17.57 23.94
N VAL B 232 20.73 18.57 24.82
CA VAL B 232 20.54 19.94 24.40
C VAL B 232 21.75 20.55 23.71
N GLU B 233 22.95 20.09 24.06
CA GLU B 233 24.17 20.57 23.45
C GLU B 233 24.27 20.06 22.02
N GLU B 234 24.00 18.76 21.83
CA GLU B 234 24.03 18.15 20.50
C GLU B 234 23.11 18.96 19.59
N LEU B 235 21.90 19.19 20.09
CA LEU B 235 20.86 19.93 19.38
C LEU B 235 21.33 21.31 18.92
N ILE B 236 21.78 22.14 19.85
CA ILE B 236 22.25 23.46 19.50
C ILE B 236 23.39 23.36 18.47
N THR B 237 24.28 22.40 18.65
CA THR B 237 25.39 22.23 17.72
C THR B 237 24.87 21.89 16.32
N SER B 238 23.79 21.13 16.27
CA SER B 238 23.18 20.79 14.99
C SER B 238 22.56 22.03 14.34
N ASN B 239 21.74 22.76 15.11
CA ASN B 239 21.07 23.95 14.57
C ASN B 239 22.06 24.87 13.87
N HIS B 240 23.14 25.21 14.56
CA HIS B 240 24.17 26.09 14.01
C HIS B 240 24.77 25.52 12.74
N HIS B 241 24.93 24.20 12.70
CA HIS B 241 25.48 23.54 11.52
C HIS B 241 24.54 23.71 10.35
N GLU B 242 23.25 23.46 10.59
CA GLU B 242 22.22 23.59 9.57
C GLU B 242 22.13 24.99 9.03
N ALA B 243 21.95 25.96 9.94
CA ALA B 243 21.85 27.38 9.56
C ALA B 243 23.09 27.81 8.80
N GLU B 244 24.24 27.25 9.19
CA GLU B 244 25.52 27.54 8.53
C GLU B 244 25.55 27.01 7.11
N LEU B 245 25.18 25.73 6.95
CA LEU B 245 25.15 25.13 5.63
C LEU B 245 24.18 25.87 4.71
N TYR B 246 23.07 26.38 5.25
CA TYR B 246 22.12 27.09 4.40
C TYR B 246 22.66 28.42 3.86
N SER B 247 23.34 29.19 4.70
CA SER B 247 23.89 30.48 4.24
C SER B 247 25.00 30.26 3.22
N LYS B 248 25.68 29.12 3.33
CA LYS B 248 26.77 28.77 2.42
C LYS B 248 26.30 28.07 1.13
N TYR B 249 25.12 27.43 1.17
CA TYR B 249 24.62 26.71 0.00
C TYR B 249 23.15 26.96 -0.39
N LYS B 250 22.56 28.02 0.17
CA LYS B 250 21.15 28.38 -0.08
C LYS B 250 20.83 28.55 -1.57
N ALA B 251 21.85 28.47 -2.43
CA ALA B 251 21.63 28.61 -3.86
C ALA B 251 21.56 27.24 -4.53
N TYR B 252 21.65 26.17 -3.75
CA TYR B 252 21.59 24.83 -4.32
C TYR B 252 20.39 24.02 -3.80
N TYR B 253 19.70 24.56 -2.80
CA TYR B 253 18.55 23.87 -2.23
C TYR B 253 17.60 24.77 -1.45
N GLY B 254 16.42 24.25 -1.13
CA GLY B 254 15.45 25.02 -0.37
C GLY B 254 14.24 24.19 -0.03
N TYR B 255 13.11 24.85 0.22
CA TYR B 255 11.86 24.16 0.52
C TYR B 255 10.81 24.58 -0.51
N ALA B 256 10.01 23.63 -0.98
CA ALA B 256 8.97 23.95 -1.97
C ALA B 256 7.62 23.45 -1.53
N PHE B 257 6.58 24.14 -1.95
CA PHE B 257 5.22 23.77 -1.61
C PHE B 257 4.57 23.11 -2.83
N PHE B 258 3.97 21.95 -2.62
CA PHE B 258 3.30 21.24 -3.70
C PHE B 258 1.83 21.13 -3.34
N ILE B 259 0.97 21.65 -4.21
CA ILE B 259 -0.47 21.59 -4.02
C ILE B 259 -0.94 20.58 -5.07
N CYS B 260 -1.22 19.36 -4.63
CA CYS B 260 -1.64 18.29 -5.51
C CYS B 260 -3.13 17.93 -5.43
N LYS B 261 -3.81 17.83 -6.58
CA LYS B 261 -5.24 17.50 -6.62
C LYS B 261 -5.39 16.03 -6.98
N LYS B 262 -6.27 15.33 -6.26
CA LYS B 262 -6.50 13.92 -6.51
C LYS B 262 -7.17 13.70 -7.88
N GLY B 263 -6.68 12.72 -8.63
CA GLY B 263 -7.24 12.45 -9.94
C GLY B 263 -8.26 11.32 -9.96
N PHE B 264 -8.16 10.47 -10.99
CA PHE B 264 -9.08 9.35 -11.18
C PHE B 264 -10.46 9.83 -11.60
CAA 6PP C . 2.06 -26.88 1.10
CAB 6PP C . 1.77 -28.28 -1.17
OAC 6PP C . 2.36 -21.93 -5.39
OAD 6PP C . 2.58 -22.66 -2.83
CAE 6PP C . 2.47 -26.14 -1.70
CAF 6PP C . 3.19 -25.46 -5.84
CAG 6PP C . 2.73 -24.18 -6.14
CAH 6PP C . 3.44 -25.80 -4.50
CAI 6PP C . 3.35 -27.05 0.30
CAJ 6PP C . 3.57 -25.20 -2.18
CAK 6PP C . 2.92 -27.27 -1.16
CAL 6PP C . 2.46 -23.27 -5.12
CAM 6PP C . 2.69 -23.62 -3.80
CAN 6PP C . 3.24 -24.86 -3.48
CAA 6PP D . 13.52 13.65 15.32
CAB 6PP D . 13.19 12.44 12.90
OAC 6PP D . 13.55 19.19 9.30
OAD 6PP D . 13.86 18.24 11.77
CAE 6PP D . 13.83 14.65 12.57
CAF 6PP D . 14.34 15.71 8.51
CAG 6PP D . 13.89 17.02 8.34
CAH 6PP D . 14.66 15.26 9.79
CAI 6PP D . 14.77 13.57 14.45
CAJ 6PP D . 14.91 15.64 12.15
CAK 6PP D . 14.31 13.48 12.98
CAL 6PP D . 13.66 17.84 9.44
CAM 6PP D . 13.95 17.36 10.72
CAN 6PP D . 14.51 16.10 10.89
#